data_4NJM
#
_entry.id   4NJM
#
_cell.length_a   50.718
_cell.length_b   77.346
_cell.length_c   89.925
_cell.angle_alpha   90.00
_cell.angle_beta   101.78
_cell.angle_gamma   90.00
#
_symmetry.space_group_name_H-M   'P 1 21 1'
#
loop_
_entity.id
_entity.type
_entity.pdbx_description
1 polymer 'D-3-phosphoglycerate dehydrogenase, putative'
2 polymer 'D-3-phosphoglycerate dehydrogenase, putative'
3 non-polymer '3-PHOSPHOGLYCERIC ACID'
4 water water
#
loop_
_entity_poly.entity_id
_entity_poly.type
_entity_poly.pdbx_seq_one_letter_code
_entity_poly.pdbx_strand_id
1 'polypeptide(L)'
;ASMKIVVITEKPFAENAVKGIREILEKAGHEVVMIEKYKKKEDVIERIKDADGVIVRSDKIDEEIIKAGEKVKIIVRAGA
GYDNIDIEACNQGKIVVMNTPGQNRNGVAELCIGMMIFGFRKGFKEGKGRELKDKTLGICGCGYVGKRVKEIAEGIGMKI
KVYDPFITTENQVKKIEELFEECQVISLHLPLTKETKGKIGYELIKKLPYGGMICNTARKEIIDEEGLIRIMREREDLIY
ITDVAPTSKVFNNEFKGRFFATPIKIGAETEESNINAGMAAASQICDFFTNGTVKFQVNKFLEHHHHHH
;
A
2 'polypeptide(L)'
;ASMKIVVITEKPFAENAVKGIREILEKAGHEVVMIEKYKKKEDVIERIKDADGVIVRSDKIDEEIIKAGEKVKIIVRAGA
GYDNIDIEACNQGKIVVMNTPGQNRNGVAELCIGMMIFGFRKGFKEGKGRELKDKTLGICG(CME)GYVGKRVKEIAEGI
GMKIKVYDPFITTENQVKKIEELFEECQVISLHLPLTKETKGKIGYELIKKLPYGGMICNTARKEIIDEEGLIRIMRERE
DLIYITDVAPTSKVFNNEFKGRFFATPIKIGAETEESNINAGMAAASQICDFFTNGTVKFQVNKFLEHHHHHH
;
B
#
# COMPACT_ATOMS: atom_id res chain seq x y z
N ALA A 1 -14.22 5.98 -46.38
CA ALA A 1 -13.39 6.73 -45.39
C ALA A 1 -13.83 6.44 -43.96
N SER A 2 -15.13 6.53 -43.71
CA SER A 2 -15.72 6.27 -42.40
C SER A 2 -15.67 4.78 -42.04
N MET A 3 -15.21 4.49 -40.83
CA MET A 3 -15.05 3.11 -40.35
C MET A 3 -15.93 2.83 -39.13
N LYS A 4 -16.27 1.56 -38.94
CA LYS A 4 -17.05 1.13 -37.79
C LYS A 4 -16.12 0.50 -36.75
N ILE A 5 -16.01 1.16 -35.60
CA ILE A 5 -15.13 0.68 -34.54
C ILE A 5 -15.95 0.13 -33.38
N VAL A 6 -15.70 -1.12 -33.04
CA VAL A 6 -16.35 -1.72 -31.89
C VAL A 6 -15.37 -1.78 -30.72
N VAL A 7 -15.89 -1.45 -29.54
CA VAL A 7 -15.12 -1.49 -28.31
C VAL A 7 -15.65 -2.64 -27.49
N ILE A 8 -14.85 -3.70 -27.40
CA ILE A 8 -15.25 -4.93 -26.77
C ILE A 8 -14.62 -4.95 -25.39
N THR A 9 -15.45 -4.77 -24.35
CA THR A 9 -14.99 -4.74 -22.97
C THR A 9 -15.98 -5.39 -21.98
N GLU A 10 -15.74 -6.66 -21.65
CA GLU A 10 -16.48 -7.34 -20.57
C GLU A 10 -16.33 -6.58 -19.24
N LYS A 11 -15.17 -5.93 -19.08
CA LYS A 11 -14.87 -5.05 -17.94
C LYS A 11 -14.79 -3.61 -18.44
N PRO A 12 -15.88 -2.83 -18.29
CA PRO A 12 -15.99 -1.54 -18.98
C PRO A 12 -14.99 -0.48 -18.50
N PHE A 13 -14.56 0.38 -19.43
CA PHE A 13 -13.74 1.55 -19.12
C PHE A 13 -14.55 2.53 -18.26
N ALA A 14 -13.83 3.37 -17.53
CA ALA A 14 -14.42 4.52 -16.85
C ALA A 14 -15.19 5.36 -17.86
N GLU A 15 -16.29 5.97 -17.40
CA GLU A 15 -17.13 6.82 -18.26
C GLU A 15 -16.37 7.90 -19.00
N ASN A 16 -15.43 8.54 -18.31
CA ASN A 16 -14.61 9.59 -18.93
C ASN A 16 -13.70 9.08 -20.04
N ALA A 17 -13.25 7.82 -19.91
CA ALA A 17 -12.44 7.18 -20.93
C ALA A 17 -13.26 6.86 -22.18
N VAL A 18 -14.48 6.35 -21.97
CA VAL A 18 -15.41 6.04 -23.07
C VAL A 18 -15.79 7.33 -23.82
N LYS A 19 -16.01 8.42 -23.08
CA LYS A 19 -16.27 9.73 -23.66
C LYS A 19 -15.10 10.19 -24.51
N GLY A 20 -13.88 10.01 -23.98
CA GLY A 20 -12.64 10.32 -24.71
C GLY A 20 -12.49 9.51 -25.99
N ILE A 21 -12.86 8.23 -25.93
CA ILE A 21 -12.81 7.35 -27.10
C ILE A 21 -13.77 7.87 -28.18
N ARG A 22 -15.00 8.17 -27.78
CA ARG A 22 -16.02 8.67 -28.71
C ARG A 22 -15.62 10.00 -29.34
N GLU A 23 -15.03 10.89 -28.54
CA GLU A 23 -14.60 12.21 -29.02
C GLU A 23 -13.62 12.08 -30.18
N ILE A 24 -12.53 11.35 -29.94
CA ILE A 24 -11.48 11.14 -30.94
C ILE A 24 -12.02 10.52 -32.23
N LEU A 25 -12.77 9.43 -32.09
CA LEU A 25 -13.22 8.64 -33.24
C LEU A 25 -14.35 9.30 -34.03
N GLU A 26 -15.29 9.92 -33.31
CA GLU A 26 -16.42 10.60 -33.96
C GLU A 26 -16.01 11.89 -34.65
N LYS A 27 -14.95 12.53 -34.16
CA LYS A 27 -14.40 13.71 -34.83
C LYS A 27 -13.78 13.33 -36.16
N ALA A 28 -13.13 12.16 -36.21
CA ALA A 28 -12.52 11.64 -37.42
C ALA A 28 -13.55 11.04 -38.37
N GLY A 29 -14.82 11.11 -37.99
CA GLY A 29 -15.93 10.66 -38.82
C GLY A 29 -16.25 9.19 -38.74
N HIS A 30 -15.68 8.49 -37.75
CA HIS A 30 -15.90 7.06 -37.58
C HIS A 30 -17.06 6.77 -36.67
N GLU A 31 -17.56 5.54 -36.74
CA GLU A 31 -18.64 5.09 -35.86
C GLU A 31 -18.07 4.30 -34.68
N VAL A 32 -18.64 4.52 -33.49
CA VAL A 32 -18.24 3.81 -32.27
C VAL A 32 -19.41 2.99 -31.73
N VAL A 33 -19.23 1.68 -31.66
CA VAL A 33 -20.24 0.80 -31.08
C VAL A 33 -19.64 0.16 -29.82
N MET A 34 -20.33 0.32 -28.70
CA MET A 34 -19.86 -0.24 -27.43
C MET A 34 -20.47 -1.62 -27.18
N ILE A 35 -19.63 -2.60 -26.87
CA ILE A 35 -20.07 -3.93 -26.46
C ILE A 35 -19.56 -4.14 -25.03
N GLU A 36 -20.36 -3.72 -24.06
CA GLU A 36 -19.92 -3.65 -22.67
C GLU A 36 -20.62 -4.65 -21.77
N LYS A 37 -19.83 -5.24 -20.88
CA LYS A 37 -20.33 -6.14 -19.83
C LYS A 37 -21.21 -7.26 -20.40
N TYR A 38 -20.87 -7.71 -21.60
CA TYR A 38 -21.55 -8.84 -22.25
C TYR A 38 -21.31 -10.13 -21.46
N LYS A 39 -22.20 -11.09 -21.60
CA LYS A 39 -22.09 -12.36 -20.89
C LYS A 39 -21.75 -13.53 -21.83
N LYS A 40 -22.39 -13.54 -23.00
CA LYS A 40 -22.24 -14.65 -23.94
C LYS A 40 -21.26 -14.35 -25.08
N LYS A 41 -20.51 -15.38 -25.49
CA LYS A 41 -19.59 -15.28 -26.63
C LYS A 41 -20.34 -14.91 -27.92
N GLU A 42 -21.60 -15.31 -28.01
CA GLU A 42 -22.46 -15.00 -29.15
C GLU A 42 -22.72 -13.50 -29.29
N ASP A 43 -22.78 -12.80 -28.16
CA ASP A 43 -22.97 -11.35 -28.15
C ASP A 43 -21.90 -10.64 -28.99
N VAL A 44 -20.65 -11.03 -28.78
CA VAL A 44 -19.52 -10.46 -29.52
C VAL A 44 -19.50 -10.93 -30.97
N ILE A 45 -19.69 -12.23 -31.18
CA ILE A 45 -19.70 -12.82 -32.53
C ILE A 45 -20.67 -12.07 -33.46
N GLU A 46 -21.86 -11.75 -32.94
CA GLU A 46 -22.86 -11.02 -33.70
C GLU A 46 -22.40 -9.60 -34.06
N ARG A 47 -21.96 -8.85 -33.05
CA ARG A 47 -21.69 -7.43 -33.22
C ARG A 47 -20.36 -7.10 -33.91
N ILE A 48 -19.45 -8.07 -34.00
CA ILE A 48 -18.17 -7.87 -34.67
C ILE A 48 -18.28 -8.05 -36.20
N LYS A 49 -19.40 -8.61 -36.67
CA LYS A 49 -19.60 -8.95 -38.08
C LYS A 49 -19.23 -7.85 -39.07
N ASP A 50 -19.73 -6.64 -38.83
CA ASP A 50 -19.50 -5.51 -39.74
C ASP A 50 -18.48 -4.48 -39.24
N ALA A 51 -17.66 -4.89 -38.26
CA ALA A 51 -16.64 -4.00 -37.70
C ALA A 51 -15.42 -3.87 -38.61
N ASP A 52 -14.93 -2.64 -38.74
CA ASP A 52 -13.69 -2.37 -39.46
C ASP A 52 -12.49 -2.36 -38.52
N GLY A 53 -12.76 -2.02 -37.26
CA GLY A 53 -11.70 -1.94 -36.25
C GLY A 53 -12.22 -2.33 -34.87
N VAL A 54 -11.32 -2.82 -34.03
CA VAL A 54 -11.67 -3.30 -32.68
C VAL A 54 -10.75 -2.68 -31.63
N ILE A 55 -11.35 -2.23 -30.53
CA ILE A 55 -10.61 -1.88 -29.32
C ILE A 55 -11.03 -2.88 -28.25
N VAL A 56 -10.04 -3.50 -27.59
CA VAL A 56 -10.32 -4.57 -26.63
C VAL A 56 -9.44 -4.39 -25.40
N ARG A 57 -9.89 -4.93 -24.27
CA ARG A 57 -9.05 -5.00 -23.08
C ARG A 57 -8.53 -6.43 -22.94
N SER A 58 -8.81 -7.09 -21.81
CA SER A 58 -8.32 -8.45 -21.60
C SER A 58 -9.19 -9.54 -22.21
N ASP A 59 -10.29 -9.14 -22.82
CA ASP A 59 -11.29 -10.06 -23.38
C ASP A 59 -10.67 -11.09 -24.31
N LYS A 60 -11.16 -12.33 -24.20
CA LYS A 60 -10.69 -13.39 -25.08
C LYS A 60 -11.12 -13.11 -26.52
N ILE A 61 -10.13 -13.02 -27.40
CA ILE A 61 -10.37 -12.85 -28.83
C ILE A 61 -9.75 -14.04 -29.56
N ASP A 62 -10.55 -15.08 -29.78
CA ASP A 62 -10.07 -16.33 -30.35
C ASP A 62 -10.39 -16.47 -31.83
N GLU A 63 -10.03 -17.62 -32.42
CA GLU A 63 -10.20 -17.84 -33.85
C GLU A 63 -11.65 -17.65 -34.32
N GLU A 64 -12.60 -18.17 -33.54
CA GLU A 64 -14.01 -18.06 -33.90
C GLU A 64 -14.45 -16.59 -34.00
N ILE A 65 -14.06 -15.78 -33.03
CA ILE A 65 -14.35 -14.35 -33.05
C ILE A 65 -13.66 -13.63 -34.21
N ILE A 66 -12.39 -13.95 -34.44
CA ILE A 66 -11.61 -13.34 -35.51
C ILE A 66 -12.23 -13.61 -36.89
N LYS A 67 -12.57 -14.88 -37.15
CA LYS A 67 -13.19 -15.25 -38.43
C LYS A 67 -14.55 -14.60 -38.65
N ALA A 68 -15.30 -14.38 -37.56
CA ALA A 68 -16.59 -13.70 -37.64
C ALA A 68 -16.44 -12.22 -38.03
N GLY A 69 -15.31 -11.62 -37.65
CA GLY A 69 -15.01 -10.25 -38.02
C GLY A 69 -14.36 -10.19 -39.40
N GLU A 70 -15.15 -10.53 -40.43
CA GLU A 70 -14.67 -10.70 -41.81
C GLU A 70 -13.89 -9.53 -42.39
N LYS A 71 -14.27 -8.31 -42.05
CA LYS A 71 -13.57 -7.12 -42.57
C LYS A 71 -12.84 -6.31 -41.50
N VAL A 72 -12.58 -6.91 -40.35
CA VAL A 72 -11.72 -6.29 -39.33
C VAL A 72 -10.32 -6.15 -39.91
N LYS A 73 -9.80 -4.93 -39.86
CA LYS A 73 -8.46 -4.65 -40.40
C LYS A 73 -7.45 -4.35 -39.30
N ILE A 74 -7.94 -4.03 -38.11
CA ILE A 74 -7.09 -3.71 -36.96
C ILE A 74 -7.78 -4.03 -35.63
N ILE A 75 -6.99 -4.54 -34.70
CA ILE A 75 -7.41 -4.69 -33.30
C ILE A 75 -6.35 -4.01 -32.43
N VAL A 76 -6.79 -3.07 -31.61
CA VAL A 76 -5.91 -2.43 -30.66
C VAL A 76 -6.29 -2.87 -29.26
N ARG A 77 -5.33 -3.46 -28.55
CA ARG A 77 -5.52 -3.76 -27.15
C ARG A 77 -5.17 -2.48 -26.39
N ALA A 78 -6.16 -1.92 -25.71
CA ALA A 78 -5.94 -0.78 -24.84
C ALA A 78 -5.30 -1.30 -23.56
N GLY A 79 -3.97 -1.22 -23.52
CA GLY A 79 -3.19 -1.84 -22.44
C GLY A 79 -1.91 -2.48 -22.96
N ALA A 80 -1.34 -3.38 -22.17
CA ALA A 80 0.00 -3.89 -22.43
C ALA A 80 -0.01 -5.31 -23.01
N GLY A 81 -0.59 -6.24 -22.27
CA GLY A 81 -0.59 -7.66 -22.66
C GLY A 81 -1.58 -8.00 -23.75
N TYR A 82 -1.23 -8.98 -24.58
CA TYR A 82 -2.09 -9.40 -25.69
C TYR A 82 -2.18 -10.93 -25.80
N ASP A 83 -1.85 -11.61 -24.70
CA ASP A 83 -1.98 -13.07 -24.58
C ASP A 83 -3.42 -13.54 -24.79
N ASN A 84 -4.37 -12.62 -24.62
CA ASN A 84 -5.80 -12.89 -24.79
C ASN A 84 -6.24 -12.94 -26.25
N ILE A 85 -5.35 -12.52 -27.15
CA ILE A 85 -5.66 -12.45 -28.57
C ILE A 85 -4.91 -13.57 -29.31
N ASP A 86 -5.64 -14.33 -30.13
CA ASP A 86 -5.01 -15.37 -30.95
C ASP A 86 -4.24 -14.70 -32.09
N ILE A 87 -2.94 -14.51 -31.87
CA ILE A 87 -2.07 -13.79 -32.81
C ILE A 87 -1.92 -14.54 -34.14
N GLU A 88 -1.84 -15.86 -34.07
CA GLU A 88 -1.71 -16.69 -35.27
C GLU A 88 -2.91 -16.58 -36.20
N ALA A 89 -4.12 -16.61 -35.62
CA ALA A 89 -5.36 -16.42 -36.37
C ALA A 89 -5.48 -14.99 -36.92
N CYS A 90 -4.94 -14.02 -36.19
CA CYS A 90 -4.86 -12.65 -36.70
C CYS A 90 -3.94 -12.55 -37.91
N ASN A 91 -2.82 -13.26 -37.84
CA ASN A 91 -1.85 -13.32 -38.94
C ASN A 91 -2.43 -13.89 -40.23
N GLN A 92 -3.24 -14.94 -40.11
CA GLN A 92 -3.90 -15.54 -41.27
C GLN A 92 -5.03 -14.66 -41.78
N GLY A 93 -5.63 -13.88 -40.88
CA GLY A 93 -6.72 -12.97 -41.23
C GLY A 93 -6.22 -11.63 -41.76
N LYS A 94 -4.89 -11.47 -41.79
CA LYS A 94 -4.23 -10.23 -42.21
C LYS A 94 -4.70 -9.01 -41.43
N ILE A 95 -4.80 -9.19 -40.11
CA ILE A 95 -5.27 -8.15 -39.19
C ILE A 95 -4.09 -7.62 -38.38
N VAL A 96 -3.92 -6.30 -38.42
CA VAL A 96 -2.89 -5.64 -37.63
C VAL A 96 -3.30 -5.69 -36.15
N VAL A 97 -2.41 -6.18 -35.31
CA VAL A 97 -2.62 -6.16 -33.86
C VAL A 97 -1.59 -5.25 -33.21
N MET A 98 -2.08 -4.31 -32.41
CA MET A 98 -1.20 -3.43 -31.67
C MET A 98 -1.70 -3.27 -30.24
N ASN A 99 -0.81 -2.83 -29.36
CA ASN A 99 -1.17 -2.49 -27.99
C ASN A 99 -0.88 -1.02 -27.75
N THR A 100 -0.98 -0.59 -26.49
CA THR A 100 -0.72 0.81 -26.16
C THR A 100 0.27 0.84 -25.00
N PRO A 101 1.57 0.61 -25.30
CA PRO A 101 2.57 0.38 -24.25
C PRO A 101 2.63 1.50 -23.22
N GLY A 102 2.77 1.12 -21.96
CA GLY A 102 2.98 2.10 -20.87
C GLY A 102 1.81 2.93 -20.39
N GLN A 103 0.67 2.87 -21.08
CA GLN A 103 -0.47 3.75 -20.73
C GLN A 103 -1.06 3.39 -19.37
N ASN A 104 -1.01 2.11 -19.06
CA ASN A 104 -1.49 1.55 -17.80
C ASN A 104 -0.49 1.53 -16.68
N ARG A 105 0.72 2.02 -16.94
CA ARG A 105 1.87 1.69 -16.10
C ARG A 105 1.68 2.10 -14.64
N ASN A 106 1.07 3.26 -14.40
CA ASN A 106 1.02 3.77 -13.03
C ASN A 106 -0.05 3.12 -12.17
N GLY A 107 -1.19 2.81 -12.78
CA GLY A 107 -2.22 2.06 -12.07
C GLY A 107 -1.61 0.77 -11.52
N VAL A 108 -0.90 0.07 -12.38
CA VAL A 108 -0.31 -1.22 -12.03
C VAL A 108 0.81 -1.05 -11.00
N ALA A 109 1.69 -0.06 -11.21
CA ALA A 109 2.84 0.14 -10.33
C ALA A 109 2.41 0.52 -8.90
N GLU A 110 1.42 1.39 -8.78
CA GLU A 110 0.90 1.77 -7.47
C GLU A 110 0.23 0.60 -6.75
N LEU A 111 -0.56 -0.17 -7.50
CA LEU A 111 -1.15 -1.38 -6.93
C LEU A 111 -0.09 -2.38 -6.43
N CYS A 112 0.95 -2.57 -7.24
CA CYS A 112 2.05 -3.44 -6.90
C CYS A 112 2.66 -3.04 -5.55
N ILE A 113 2.98 -1.76 -5.40
CA ILE A 113 3.58 -1.28 -4.15
C ILE A 113 2.61 -1.43 -2.98
N GLY A 114 1.36 -1.04 -3.22
CA GLY A 114 0.30 -1.25 -2.24
C GLY A 114 0.15 -2.68 -1.77
N MET A 115 0.20 -3.64 -2.71
CA MET A 115 0.09 -5.05 -2.35
C MET A 115 1.30 -5.55 -1.56
N MET A 116 2.48 -5.02 -1.88
CA MET A 116 3.69 -5.37 -1.13
C MET A 116 3.55 -4.96 0.32
N ILE A 117 3.06 -3.75 0.55
CA ILE A 117 2.88 -3.25 1.91
C ILE A 117 1.83 -4.10 2.64
N PHE A 118 0.66 -4.22 2.01
CA PHE A 118 -0.44 -5.05 2.51
C PHE A 118 0.03 -6.47 2.86
N GLY A 119 0.76 -7.09 1.93
CA GLY A 119 1.31 -8.44 2.13
C GLY A 119 2.26 -8.57 3.31
N PHE A 120 3.08 -7.55 3.51
CA PHE A 120 4.06 -7.54 4.61
C PHE A 120 3.44 -7.14 5.94
N ARG A 121 2.22 -6.59 5.89
CA ARG A 121 1.55 -6.08 7.09
C ARG A 121 0.25 -6.83 7.40
N LYS A 122 0.29 -8.15 7.19
CA LYS A 122 -0.78 -9.08 7.60
C LYS A 122 -2.15 -8.73 6.99
N GLY A 123 -2.15 -8.11 5.82
CA GLY A 123 -3.42 -7.69 5.22
C GLY A 123 -4.18 -6.71 6.08
N PHE A 124 -3.42 -5.88 6.81
CA PHE A 124 -3.93 -4.87 7.74
C PHE A 124 -4.76 -5.49 8.86
N LYS A 125 -4.37 -6.71 9.24
CA LYS A 125 -4.92 -7.40 10.41
C LYS A 125 -3.92 -7.33 11.56
N GLU A 126 -4.34 -7.81 12.72
CA GLU A 126 -3.51 -7.90 13.92
C GLU A 126 -2.26 -8.78 13.69
N GLY A 127 -1.20 -8.50 14.44
CA GLY A 127 0.01 -9.33 14.40
C GLY A 127 1.25 -8.57 13.99
N LYS A 128 2.39 -9.27 14.01
CA LYS A 128 3.67 -8.63 13.71
C LYS A 128 3.94 -8.64 12.22
N GLY A 129 4.14 -7.45 11.65
CA GLY A 129 4.47 -7.31 10.24
C GLY A 129 5.94 -7.06 10.01
N ARG A 130 6.30 -6.70 8.78
CA ARG A 130 7.65 -6.33 8.44
C ARG A 130 7.64 -5.10 7.55
N GLU A 131 8.82 -4.51 7.36
CA GLU A 131 8.96 -3.28 6.57
C GLU A 131 9.74 -3.56 5.29
N LEU A 132 9.33 -2.88 4.22
CA LEU A 132 10.02 -2.93 2.93
C LEU A 132 11.38 -2.24 2.93
N LYS A 133 11.52 -1.15 3.69
CA LYS A 133 12.79 -0.44 3.79
C LYS A 133 13.92 -1.39 4.19
N ASP A 134 15.06 -1.26 3.51
CA ASP A 134 16.29 -2.03 3.77
C ASP A 134 16.21 -3.48 3.30
N LYS A 135 15.11 -3.86 2.67
CA LYS A 135 14.99 -5.18 2.06
C LYS A 135 15.40 -5.09 0.61
N THR A 136 15.73 -6.24 0.03
CA THR A 136 16.08 -6.29 -1.39
C THR A 136 14.88 -6.72 -2.25
N LEU A 137 14.57 -5.87 -3.23
CA LEU A 137 13.49 -6.10 -4.20
C LEU A 137 14.04 -6.58 -5.54
N GLY A 138 13.54 -7.73 -6.00
CA GLY A 138 13.86 -8.21 -7.34
C GLY A 138 12.75 -7.93 -8.32
N ILE A 139 13.07 -7.10 -9.32
CA ILE A 139 12.11 -6.74 -10.35
C ILE A 139 12.27 -7.70 -11.52
N CYS A 140 11.30 -8.59 -11.65
CA CYS A 140 11.32 -9.68 -12.63
C CYS A 140 10.59 -9.28 -13.91
N GLY A 141 11.35 -8.74 -14.86
CA GLY A 141 10.80 -8.14 -16.07
C GLY A 141 10.78 -6.63 -15.91
N CYS A 142 11.59 -5.93 -16.70
CA CYS A 142 11.62 -4.47 -16.60
C CYS A 142 11.21 -3.78 -17.90
N GLY A 143 10.04 -3.16 -17.82
CA GLY A 143 9.51 -2.28 -18.86
C GLY A 143 8.96 -1.06 -18.15
N TYR A 144 7.86 -0.54 -18.67
CA TYR A 144 7.27 0.69 -18.12
C TYR A 144 6.82 0.52 -16.68
N VAL A 145 6.20 -0.63 -16.36
CA VAL A 145 5.66 -0.85 -15.01
C VAL A 145 6.81 -1.02 -14.01
N GLY A 146 7.78 -1.86 -14.39
CA GLY A 146 8.95 -2.13 -13.55
C GLY A 146 9.74 -0.89 -13.18
N LYS A 147 9.94 0.00 -14.16
CA LYS A 147 10.64 1.28 -13.92
C LYS A 147 9.94 2.11 -12.85
N ARG A 148 8.61 2.20 -12.93
CA ARG A 148 7.84 2.91 -11.91
C ARG A 148 7.87 2.22 -10.55
N VAL A 149 7.73 0.90 -10.53
CA VAL A 149 7.85 0.15 -9.28
C VAL A 149 9.23 0.44 -8.65
N LYS A 150 10.27 0.41 -9.49
CA LYS A 150 11.62 0.72 -9.03
C LYS A 150 11.70 2.10 -8.38
N GLU A 151 11.16 3.12 -9.05
CA GLU A 151 11.20 4.50 -8.54
C GLU A 151 10.56 4.58 -7.16
N ILE A 152 9.39 3.97 -7.02
CA ILE A 152 8.65 4.03 -5.75
C ILE A 152 9.39 3.27 -4.65
N ALA A 153 9.87 2.07 -4.99
CA ALA A 153 10.62 1.25 -4.03
C ALA A 153 11.91 1.91 -3.56
N GLU A 154 12.54 2.69 -4.44
CA GLU A 154 13.76 3.44 -4.08
C GLU A 154 13.44 4.52 -3.04
N GLY A 155 12.30 5.18 -3.21
CA GLY A 155 11.80 6.14 -2.21
C GLY A 155 11.51 5.46 -0.88
N ILE A 156 10.99 4.23 -0.94
CA ILE A 156 10.77 3.43 0.26
C ILE A 156 12.11 3.04 0.90
N GLY A 157 13.14 2.92 0.07
CA GLY A 157 14.47 2.56 0.54
C GLY A 157 14.79 1.08 0.42
N MET A 158 14.17 0.41 -0.54
CA MET A 158 14.53 -0.97 -0.85
C MET A 158 15.77 -0.96 -1.72
N LYS A 159 16.59 -2.00 -1.56
CA LYS A 159 17.67 -2.24 -2.52
C LYS A 159 17.06 -2.94 -3.72
N ILE A 160 17.59 -2.66 -4.91
CA ILE A 160 16.96 -3.11 -6.15
C ILE A 160 17.88 -3.97 -6.99
N LYS A 161 17.34 -5.09 -7.48
CA LYS A 161 17.97 -5.89 -8.52
C LYS A 161 16.94 -6.16 -9.60
N VAL A 162 17.40 -6.37 -10.82
CA VAL A 162 16.51 -6.50 -11.98
C VAL A 162 16.89 -7.73 -12.81
N TYR A 163 15.87 -8.48 -13.23
CA TYR A 163 16.06 -9.49 -14.27
C TYR A 163 15.17 -9.19 -15.47
N ASP A 164 15.77 -9.20 -16.66
CA ASP A 164 15.01 -9.12 -17.90
C ASP A 164 15.76 -9.90 -18.99
N PRO A 165 15.04 -10.76 -19.73
CA PRO A 165 15.70 -11.56 -20.78
C PRO A 165 16.18 -10.76 -22.00
N PHE A 166 15.77 -9.49 -22.12
CA PHE A 166 16.05 -8.73 -23.34
C PHE A 166 16.78 -7.40 -23.18
N ILE A 167 16.42 -6.60 -22.19
CA ILE A 167 17.00 -5.24 -22.06
C ILE A 167 18.31 -5.20 -21.25
N THR A 168 18.94 -4.02 -21.23
CA THR A 168 20.13 -3.77 -20.43
C THR A 168 19.86 -2.62 -19.43
N THR A 169 20.12 -2.89 -18.15
CA THR A 169 19.91 -1.90 -17.09
C THR A 169 20.90 -2.10 -15.92
N GLU A 170 20.84 -1.22 -14.93
CA GLU A 170 21.72 -1.32 -13.77
C GLU A 170 21.21 -2.33 -12.73
N ASN A 171 22.13 -2.81 -11.89
CA ASN A 171 21.86 -3.85 -10.87
C ASN A 171 21.15 -5.09 -11.44
N GLN A 172 21.58 -5.48 -12.63
CA GLN A 172 20.93 -6.51 -13.41
C GLN A 172 21.63 -7.85 -13.19
N VAL A 173 20.87 -8.86 -12.80
CA VAL A 173 21.42 -10.22 -12.67
C VAL A 173 21.29 -10.92 -14.03
N LYS A 174 22.22 -11.82 -14.33
CA LYS A 174 22.22 -12.51 -15.63
C LYS A 174 21.17 -13.61 -15.73
N LYS A 175 20.96 -14.32 -14.62
CA LYS A 175 20.03 -15.45 -14.60
C LYS A 175 18.91 -15.24 -13.58
N ILE A 176 17.72 -15.74 -13.90
CA ILE A 176 16.55 -15.57 -13.04
C ILE A 176 16.72 -16.20 -11.66
N GLU A 177 17.45 -17.32 -11.59
CA GLU A 177 17.75 -17.98 -10.31
C GLU A 177 18.44 -17.02 -9.34
N GLU A 178 19.34 -16.21 -9.88
CA GLU A 178 20.09 -15.24 -9.07
C GLU A 178 19.19 -14.20 -8.43
N LEU A 179 18.16 -13.77 -9.17
CA LEU A 179 17.17 -12.84 -8.64
C LEU A 179 16.45 -13.45 -7.43
N PHE A 180 15.99 -14.69 -7.58
CA PHE A 180 15.31 -15.40 -6.49
C PHE A 180 16.25 -15.73 -5.33
N GLU A 181 17.52 -15.95 -5.63
CA GLU A 181 18.54 -16.22 -4.62
C GLU A 181 18.81 -15.02 -3.72
N GLU A 182 18.93 -13.85 -4.36
CA GLU A 182 19.43 -12.64 -3.68
C GLU A 182 18.33 -11.71 -3.16
N CYS A 183 17.10 -11.87 -3.63
CA CYS A 183 16.03 -10.91 -3.32
C CYS A 183 14.95 -11.49 -2.40
N GLN A 184 14.63 -10.75 -1.35
CA GLN A 184 13.60 -11.20 -0.40
C GLN A 184 12.18 -10.93 -0.90
N VAL A 185 12.02 -9.88 -1.70
CA VAL A 185 10.73 -9.59 -2.30
C VAL A 185 10.89 -9.63 -3.81
N ILE A 186 9.97 -10.35 -4.48
CA ILE A 186 9.96 -10.44 -5.93
C ILE A 186 8.69 -9.81 -6.49
N SER A 187 8.85 -8.94 -7.48
CA SER A 187 7.71 -8.37 -8.19
C SER A 187 7.73 -8.84 -9.63
N LEU A 188 6.68 -9.54 -10.05
CA LEU A 188 6.60 -10.13 -11.38
C LEU A 188 5.96 -9.20 -12.39
N HIS A 189 6.63 -9.01 -13.53
CA HIS A 189 6.13 -8.13 -14.60
C HIS A 189 6.27 -8.71 -15.97
N LEU A 190 6.55 -10.02 -16.04
CA LEU A 190 6.73 -10.73 -17.30
C LEU A 190 5.44 -10.82 -18.09
N PRO A 191 5.52 -10.61 -19.42
CA PRO A 191 4.38 -10.92 -20.28
C PRO A 191 4.20 -12.43 -20.33
N LEU A 192 2.97 -12.87 -20.63
CA LEU A 192 2.69 -14.29 -20.78
C LEU A 192 3.00 -14.70 -22.22
N THR A 193 3.98 -15.58 -22.37
CA THR A 193 4.41 -16.11 -23.67
C THR A 193 4.66 -17.60 -23.48
N LYS A 194 4.98 -18.30 -24.57
CA LYS A 194 5.38 -19.71 -24.47
C LYS A 194 6.56 -19.92 -23.51
N GLU A 195 7.49 -18.97 -23.51
CA GLU A 195 8.69 -19.04 -22.66
C GLU A 195 8.40 -18.79 -21.18
N THR A 196 7.44 -17.91 -20.89
CA THR A 196 7.15 -17.55 -19.50
C THR A 196 6.03 -18.37 -18.84
N LYS A 197 5.29 -19.14 -19.63
CA LYS A 197 4.17 -19.93 -19.10
C LYS A 197 4.66 -20.97 -18.10
N GLY A 198 4.18 -20.87 -16.87
CA GLY A 198 4.56 -21.77 -15.77
C GLY A 198 6.03 -21.73 -15.37
N LYS A 199 6.72 -20.65 -15.74
CA LYS A 199 8.14 -20.49 -15.47
C LYS A 199 8.46 -20.32 -13.98
N ILE A 200 7.60 -19.59 -13.27
CA ILE A 200 7.79 -19.36 -11.85
C ILE A 200 7.23 -20.53 -11.03
N GLY A 201 8.09 -21.51 -10.77
CA GLY A 201 7.69 -22.75 -10.10
C GLY A 201 8.54 -23.12 -8.90
N TYR A 202 8.33 -24.34 -8.41
CA TYR A 202 8.96 -24.87 -7.20
C TYR A 202 10.47 -24.58 -7.08
N GLU A 203 11.22 -24.82 -8.14
CA GLU A 203 12.68 -24.71 -8.12
C GLU A 203 13.17 -23.27 -7.91
N LEU A 204 12.50 -22.32 -8.55
CA LEU A 204 12.84 -20.90 -8.40
C LEU A 204 12.43 -20.36 -7.03
N ILE A 205 11.17 -20.60 -6.65
CA ILE A 205 10.61 -20.06 -5.41
C ILE A 205 11.33 -20.55 -4.15
N LYS A 206 11.77 -21.82 -4.16
CA LYS A 206 12.50 -22.41 -3.04
C LYS A 206 13.79 -21.62 -2.70
N LYS A 207 14.37 -20.96 -3.69
CA LYS A 207 15.61 -20.20 -3.51
C LYS A 207 15.44 -18.93 -2.67
N LEU A 208 14.21 -18.43 -2.55
CA LEU A 208 13.92 -17.20 -1.80
C LEU A 208 14.43 -17.21 -0.37
N PRO A 209 14.99 -16.07 0.09
CA PRO A 209 15.39 -15.90 1.49
C PRO A 209 14.21 -16.12 2.44
N TYR A 210 14.51 -16.30 3.72
CA TYR A 210 13.47 -16.41 4.72
C TYR A 210 12.59 -15.16 4.74
N GLY A 211 11.28 -15.37 4.91
CA GLY A 211 10.30 -14.29 4.90
C GLY A 211 10.05 -13.77 3.50
N GLY A 212 10.31 -14.60 2.50
CA GLY A 212 10.16 -14.21 1.09
C GLY A 212 8.72 -13.87 0.74
N MET A 213 8.56 -12.91 -0.15
CA MET A 213 7.24 -12.52 -0.65
C MET A 213 7.28 -12.38 -2.16
N ILE A 214 6.32 -12.98 -2.84
CA ILE A 214 6.11 -12.74 -4.26
C ILE A 214 4.85 -11.91 -4.49
N CYS A 215 5.00 -10.82 -5.23
CA CYS A 215 3.88 -10.00 -5.65
C CYS A 215 3.72 -10.13 -7.16
N ASN A 216 2.55 -10.57 -7.60
CA ASN A 216 2.28 -10.83 -9.00
C ASN A 216 1.16 -9.93 -9.54
N THR A 217 1.54 -8.87 -10.23
CA THR A 217 0.56 -8.02 -10.92
C THR A 217 0.60 -8.26 -12.42
N ALA A 218 1.21 -9.38 -12.83
CA ALA A 218 1.43 -9.69 -14.24
C ALA A 218 0.29 -10.54 -14.83
N ARG A 219 0.50 -11.85 -14.89
CA ARG A 219 -0.49 -12.79 -15.42
C ARG A 219 -0.51 -14.07 -14.54
N LYS A 220 -1.67 -14.69 -14.38
CA LYS A 220 -1.76 -15.87 -13.51
C LYS A 220 -0.95 -17.05 -14.07
N GLU A 221 -0.87 -17.15 -15.39
CA GLU A 221 -0.29 -18.35 -16.02
C GLU A 221 1.24 -18.42 -16.04
N ILE A 222 1.92 -17.35 -15.61
CA ILE A 222 3.39 -17.42 -15.46
C ILE A 222 3.77 -18.20 -14.20
N ILE A 223 2.79 -18.43 -13.32
CA ILE A 223 2.99 -19.23 -12.12
C ILE A 223 2.72 -20.71 -12.45
N ASP A 224 3.63 -21.59 -12.01
CA ASP A 224 3.36 -23.02 -11.95
C ASP A 224 2.62 -23.27 -10.64
N GLU A 225 1.29 -23.30 -10.70
CA GLU A 225 0.48 -23.33 -9.47
C GLU A 225 0.74 -24.54 -8.59
N GLU A 226 0.96 -25.71 -9.21
CA GLU A 226 1.27 -26.93 -8.48
C GLU A 226 2.57 -26.77 -7.71
N GLY A 227 3.58 -26.22 -8.38
CA GLY A 227 4.87 -25.91 -7.78
C GLY A 227 4.79 -24.89 -6.66
N LEU A 228 4.07 -23.79 -6.88
CA LEU A 228 3.89 -22.77 -5.83
C LEU A 228 3.20 -23.34 -4.60
N ILE A 229 2.14 -24.13 -4.82
CA ILE A 229 1.42 -24.79 -3.73
C ILE A 229 2.37 -25.68 -2.93
N ARG A 230 3.21 -26.45 -3.64
CA ARG A 230 4.14 -27.37 -2.98
C ARG A 230 5.11 -26.64 -2.06
N ILE A 231 5.76 -25.60 -2.58
CA ILE A 231 6.73 -24.83 -1.81
C ILE A 231 6.08 -24.04 -0.67
N MET A 232 4.86 -23.55 -0.88
CA MET A 232 4.17 -22.80 0.18
C MET A 232 3.77 -23.67 1.37
N ARG A 233 3.43 -24.93 1.10
CA ARG A 233 3.18 -25.91 2.17
C ARG A 233 4.48 -26.24 2.91
N GLU A 234 5.57 -26.32 2.17
CA GLU A 234 6.89 -26.64 2.72
C GLU A 234 7.52 -25.45 3.46
N ARG A 235 7.30 -24.25 2.93
CA ARG A 235 7.85 -23.01 3.47
C ARG A 235 6.72 -22.11 3.96
N GLU A 236 6.37 -22.23 5.25
CA GLU A 236 5.26 -21.47 5.81
C GLU A 236 5.53 -19.97 5.91
N ASP A 237 6.79 -19.58 5.79
CA ASP A 237 7.19 -18.17 5.86
C ASP A 237 6.84 -17.38 4.60
N LEU A 238 6.66 -18.09 3.48
CA LEU A 238 6.46 -17.42 2.18
C LEU A 238 5.08 -16.79 2.04
N ILE A 239 5.05 -15.61 1.41
CA ILE A 239 3.82 -14.86 1.17
C ILE A 239 3.61 -14.71 -0.34
N TYR A 240 2.39 -14.95 -0.81
CA TYR A 240 2.05 -14.72 -2.21
C TYR A 240 0.87 -13.75 -2.32
N ILE A 241 1.10 -12.59 -2.93
CA ILE A 241 0.01 -11.63 -3.14
C ILE A 241 -0.13 -11.38 -4.63
N THR A 242 -1.36 -11.38 -5.14
CA THR A 242 -1.54 -11.28 -6.58
C THR A 242 -2.78 -10.48 -7.00
N ASP A 243 -2.67 -9.79 -8.14
CA ASP A 243 -3.79 -9.12 -8.78
C ASP A 243 -4.42 -10.01 -9.85
N VAL A 244 -3.85 -11.19 -10.04
CA VAL A 244 -4.33 -12.14 -11.03
C VAL A 244 -4.58 -13.47 -10.31
N ALA A 245 -5.79 -13.59 -9.77
CA ALA A 245 -6.17 -14.69 -8.90
C ALA A 245 -5.88 -16.04 -9.56
N PRO A 246 -5.35 -17.00 -8.79
CA PRO A 246 -5.00 -18.30 -9.33
C PRO A 246 -6.24 -19.12 -9.70
N THR A 247 -6.04 -20.16 -10.52
CA THR A 247 -7.10 -21.11 -10.86
C THR A 247 -7.46 -21.97 -9.65
N SER A 248 -6.45 -22.49 -8.96
CA SER A 248 -6.64 -23.41 -7.85
C SER A 248 -7.29 -22.77 -6.62
N LYS A 249 -8.24 -23.48 -6.03
CA LYS A 249 -8.91 -23.06 -4.80
C LYS A 249 -8.06 -23.28 -3.54
N VAL A 250 -6.95 -24.00 -3.69
CA VAL A 250 -6.09 -24.37 -2.55
C VAL A 250 -5.51 -23.14 -1.83
N PHE A 251 -5.07 -22.16 -2.61
CA PHE A 251 -4.45 -20.94 -2.06
C PHE A 251 -5.32 -20.30 -0.97
N ASN A 252 -6.58 -20.02 -1.30
CA ASN A 252 -7.54 -19.43 -0.37
C ASN A 252 -7.88 -20.36 0.80
N ASN A 253 -8.01 -21.65 0.49
CA ASN A 253 -8.36 -22.63 1.51
C ASN A 253 -7.26 -22.83 2.56
N GLU A 254 -6.01 -22.91 2.10
CA GLU A 254 -4.91 -23.34 2.96
C GLU A 254 -3.97 -22.24 3.45
N PHE A 255 -3.84 -21.16 2.68
CA PHE A 255 -2.78 -20.19 2.97
C PHE A 255 -3.29 -18.85 3.51
N LYS A 256 -4.44 -18.86 4.19
CA LYS A 256 -4.95 -17.65 4.84
C LYS A 256 -3.92 -17.09 5.81
N GLY A 257 -3.69 -15.79 5.73
CA GLY A 257 -2.68 -15.13 6.54
C GLY A 257 -1.40 -14.85 5.79
N ARG A 258 -1.16 -15.57 4.70
CA ARG A 258 0.00 -15.32 3.86
C ARG A 258 -0.31 -15.39 2.37
N PHE A 259 -1.59 -15.31 2.02
CA PHE A 259 -2.03 -15.25 0.63
C PHE A 259 -3.16 -14.24 0.46
N PHE A 260 -3.12 -13.51 -0.65
CA PHE A 260 -4.22 -12.63 -1.04
C PHE A 260 -4.32 -12.49 -2.55
N ALA A 261 -5.54 -12.54 -3.07
CA ALA A 261 -5.81 -12.22 -4.46
C ALA A 261 -7.00 -11.30 -4.53
N THR A 262 -6.90 -10.30 -5.40
CA THR A 262 -8.05 -9.45 -5.75
C THR A 262 -9.15 -10.27 -6.43
N PRO A 263 -10.42 -9.83 -6.30
CA PRO A 263 -11.53 -10.59 -6.92
C PRO A 263 -11.52 -10.54 -8.46
N ILE A 264 -10.87 -9.51 -9.00
CA ILE A 264 -10.74 -9.28 -10.44
C ILE A 264 -9.44 -8.50 -10.61
N LYS A 265 -8.86 -8.52 -11.81
CA LYS A 265 -7.61 -7.79 -12.09
C LYS A 265 -7.87 -6.29 -12.09
N ILE A 266 -7.45 -5.62 -11.02
CA ILE A 266 -7.74 -4.19 -10.84
C ILE A 266 -6.55 -3.24 -11.08
N GLY A 267 -5.41 -3.81 -11.47
CA GLY A 267 -4.19 -3.02 -11.76
C GLY A 267 -4.42 -1.80 -12.64
N ALA A 268 -5.24 -1.98 -13.67
CA ALA A 268 -5.56 -0.89 -14.59
C ALA A 268 -6.96 -0.30 -14.37
N GLU A 269 -7.61 -0.69 -13.28
CA GLU A 269 -8.96 -0.19 -12.99
C GLU A 269 -8.89 1.13 -12.24
N THR A 270 -8.38 2.16 -12.90
CA THR A 270 -8.39 3.51 -12.33
C THR A 270 -8.88 4.46 -13.40
N GLU A 271 -9.41 5.60 -12.96
CA GLU A 271 -9.80 6.68 -13.84
C GLU A 271 -8.67 7.06 -14.80
N GLU A 272 -7.47 7.27 -14.24
CA GLU A 272 -6.33 7.81 -14.97
C GLU A 272 -5.81 6.83 -16.01
N SER A 273 -5.65 5.57 -15.63
CA SER A 273 -5.13 4.57 -16.54
C SER A 273 -6.14 4.26 -17.66
N ASN A 274 -7.42 4.18 -17.33
CA ASN A 274 -8.48 3.99 -18.34
C ASN A 274 -8.47 5.09 -19.40
N ILE A 275 -8.38 6.34 -18.95
CA ILE A 275 -8.27 7.47 -19.87
C ILE A 275 -7.06 7.32 -20.78
N ASN A 276 -5.89 7.04 -20.20
CA ASN A 276 -4.66 6.88 -20.98
C ASN A 276 -4.77 5.80 -22.05
N ALA A 277 -5.16 4.59 -21.63
CA ALA A 277 -5.17 3.44 -22.53
C ALA A 277 -6.28 3.56 -23.57
N GLY A 278 -7.48 3.94 -23.11
CA GLY A 278 -8.65 4.03 -23.99
C GLY A 278 -8.43 5.05 -25.09
N MET A 279 -7.95 6.22 -24.71
CA MET A 279 -7.71 7.29 -25.66
C MET A 279 -6.52 7.04 -26.59
N ALA A 280 -5.46 6.42 -26.06
CA ALA A 280 -4.34 6.00 -26.90
C ALA A 280 -4.81 5.00 -27.97
N ALA A 281 -5.64 4.03 -27.56
CA ALA A 281 -6.19 3.04 -28.49
C ALA A 281 -6.96 3.74 -29.61
N ALA A 282 -7.82 4.68 -29.22
CA ALA A 282 -8.65 5.44 -30.17
C ALA A 282 -7.79 6.24 -31.15
N SER A 283 -6.79 6.94 -30.61
CA SER A 283 -5.85 7.71 -31.42
C SER A 283 -5.09 6.84 -32.42
N GLN A 284 -4.63 5.68 -31.96
CA GLN A 284 -3.91 4.73 -32.81
C GLN A 284 -4.80 4.11 -33.89
N ILE A 285 -6.03 3.76 -33.53
CA ILE A 285 -7.05 3.34 -34.49
C ILE A 285 -7.23 4.41 -35.58
N CYS A 286 -7.47 5.65 -35.13
CA CYS A 286 -7.69 6.80 -36.02
C CYS A 286 -6.50 7.04 -36.94
N ASP A 287 -5.29 6.96 -36.36
CA ASP A 287 -4.05 7.15 -37.11
C ASP A 287 -3.89 6.09 -38.20
N PHE A 288 -4.15 4.83 -37.84
CA PHE A 288 -4.09 3.71 -38.80
C PHE A 288 -4.98 3.94 -40.01
N PHE A 289 -6.20 4.40 -39.78
CA PHE A 289 -7.15 4.63 -40.88
C PHE A 289 -6.88 5.89 -41.68
N THR A 290 -6.25 6.88 -41.04
CA THR A 290 -5.91 8.14 -41.71
C THR A 290 -4.59 8.03 -42.48
N ASN A 291 -3.54 7.56 -41.82
CA ASN A 291 -2.21 7.54 -42.43
C ASN A 291 -1.54 6.18 -42.56
N GLY A 292 -2.26 5.13 -42.16
CA GLY A 292 -1.76 3.76 -42.24
C GLY A 292 -0.63 3.45 -41.28
N THR A 293 -0.48 4.29 -40.25
CA THR A 293 0.61 4.12 -39.28
C THR A 293 0.41 2.83 -38.51
N VAL A 294 1.51 2.08 -38.35
CA VAL A 294 1.46 0.80 -37.65
C VAL A 294 2.46 0.74 -36.49
N LYS A 295 2.76 1.89 -35.92
CA LYS A 295 3.57 1.93 -34.69
C LYS A 295 2.84 1.11 -33.61
N PHE A 296 3.62 0.36 -32.84
CA PHE A 296 3.11 -0.52 -31.78
C PHE A 296 2.45 -1.81 -32.26
N GLN A 297 2.52 -2.09 -33.56
CA GLN A 297 2.04 -3.37 -34.07
C GLN A 297 2.89 -4.50 -33.47
N VAL A 298 2.24 -5.51 -32.89
CA VAL A 298 2.95 -6.59 -32.21
C VAL A 298 3.11 -7.84 -33.06
N ASN A 299 2.30 -7.97 -34.10
CA ASN A 299 2.37 -9.16 -34.96
C ASN A 299 3.01 -8.86 -36.33
N LYS A 300 3.33 -9.92 -37.06
CA LYS A 300 3.95 -9.82 -38.37
C LYS A 300 3.29 -10.80 -39.35
N PHE A 301 2.83 -10.28 -40.48
CA PHE A 301 2.27 -11.12 -41.54
C PHE A 301 2.64 -10.62 -42.93
N LEU A 302 2.54 -11.49 -43.92
CA LEU A 302 2.87 -11.14 -45.30
C LEU A 302 1.61 -10.79 -46.11
N GLU A 303 1.82 -10.14 -47.24
CA GLU A 303 0.72 -9.69 -48.14
C GLU A 303 -0.03 -8.51 -47.53
N ALA B 1 23.48 0.80 41.86
CA ALA B 1 23.23 -0.65 42.02
C ALA B 1 22.08 -1.14 41.14
N SER B 2 21.66 -2.38 41.37
CA SER B 2 20.64 -3.05 40.56
C SER B 2 19.24 -2.46 40.76
N MET B 3 18.58 -2.18 39.63
CA MET B 3 17.23 -1.61 39.62
C MET B 3 16.22 -2.61 39.06
N LYS B 4 14.97 -2.49 39.50
CA LYS B 4 13.89 -3.31 38.94
C LYS B 4 13.14 -2.49 37.89
N ILE B 5 13.11 -3.03 36.67
CA ILE B 5 12.46 -2.37 35.54
C ILE B 5 11.27 -3.20 35.12
N VAL B 6 10.08 -2.60 35.19
CA VAL B 6 8.88 -3.29 34.77
C VAL B 6 8.58 -2.88 33.34
N VAL B 7 8.31 -3.87 32.48
CA VAL B 7 7.91 -3.60 31.09
C VAL B 7 6.41 -3.87 30.96
N ILE B 8 5.65 -2.79 30.79
CA ILE B 8 4.20 -2.86 30.77
C ILE B 8 3.74 -2.76 29.32
N THR B 9 3.33 -3.89 28.75
CA THR B 9 2.88 -3.92 27.35
C THR B 9 1.69 -4.87 27.17
N GLU B 10 0.49 -4.31 27.22
CA GLU B 10 -0.73 -5.06 26.94
C GLU B 10 -0.71 -5.62 25.51
N LYS B 11 -0.03 -4.89 24.63
CA LYS B 11 0.27 -5.31 23.26
C LYS B 11 1.76 -5.62 23.20
N PRO B 12 2.13 -6.91 23.35
CA PRO B 12 3.56 -7.22 23.53
C PRO B 12 4.47 -6.88 22.35
N PHE B 13 5.73 -6.58 22.65
CA PHE B 13 6.76 -6.44 21.65
C PHE B 13 7.04 -7.80 21.01
N ALA B 14 7.61 -7.77 19.81
CA ALA B 14 8.08 -8.99 19.14
C ALA B 14 9.06 -9.72 20.03
N GLU B 15 9.13 -11.04 19.90
CA GLU B 15 10.03 -11.85 20.75
C GLU B 15 11.46 -11.37 20.71
N ASN B 16 11.96 -11.06 19.51
CA ASN B 16 13.33 -10.59 19.35
C ASN B 16 13.59 -9.24 20.01
N ALA B 17 12.57 -8.40 20.07
CA ALA B 17 12.68 -7.10 20.76
C ALA B 17 12.76 -7.31 22.27
N VAL B 18 11.90 -8.17 22.81
CA VAL B 18 11.93 -8.53 24.24
C VAL B 18 13.31 -9.09 24.62
N LYS B 19 13.82 -10.00 23.78
CA LYS B 19 15.20 -10.49 23.91
C LYS B 19 16.20 -9.34 24.05
N GLY B 20 16.09 -8.37 23.15
CA GLY B 20 17.02 -7.22 23.09
C GLY B 20 16.93 -6.34 24.33
N ILE B 21 15.70 -6.10 24.81
CA ILE B 21 15.45 -5.35 26.03
C ILE B 21 16.12 -6.06 27.21
N ARG B 22 15.87 -7.36 27.32
CA ARG B 22 16.37 -8.14 28.46
C ARG B 22 17.88 -8.23 28.48
N GLU B 23 18.49 -8.32 27.30
CA GLU B 23 19.93 -8.37 27.16
C GLU B 23 20.60 -7.06 27.60
N ILE B 24 20.08 -5.93 27.13
CA ILE B 24 20.60 -4.61 27.51
C ILE B 24 20.51 -4.39 29.03
N LEU B 25 19.34 -4.66 29.58
CA LEU B 25 19.08 -4.37 31.00
C LEU B 25 19.75 -5.31 31.98
N GLU B 26 19.75 -6.61 31.69
CA GLU B 26 20.39 -7.60 32.57
C GLU B 26 21.90 -7.38 32.68
N LYS B 27 22.50 -7.01 31.56
CA LYS B 27 23.95 -6.81 31.45
C LYS B 27 24.36 -5.58 32.23
N ALA B 28 23.46 -4.61 32.30
CA ALA B 28 23.65 -3.41 33.10
C ALA B 28 23.43 -3.74 34.58
N GLY B 29 22.99 -4.95 34.87
CA GLY B 29 22.80 -5.43 36.23
C GLY B 29 21.38 -5.33 36.78
N HIS B 30 20.40 -5.04 35.93
CA HIS B 30 19.03 -4.82 36.40
C HIS B 30 18.13 -6.02 36.27
N GLU B 31 17.03 -6.00 37.02
CA GLU B 31 15.99 -7.02 36.94
C GLU B 31 14.89 -6.56 35.98
N VAL B 32 14.48 -7.45 35.08
CA VAL B 32 13.41 -7.14 34.14
C VAL B 32 12.18 -7.99 34.45
N VAL B 33 11.07 -7.31 34.74
CA VAL B 33 9.80 -8.00 34.97
C VAL B 33 8.81 -7.63 33.87
N MET B 34 8.43 -8.64 33.08
CA MET B 34 7.52 -8.44 31.96
C MET B 34 6.08 -8.51 32.44
N ILE B 35 5.30 -7.50 32.09
CA ILE B 35 3.85 -7.55 32.33
C ILE B 35 3.18 -7.47 30.97
N GLU B 36 2.99 -8.64 30.36
CA GLU B 36 2.52 -8.71 28.98
C GLU B 36 1.12 -9.28 28.86
N LYS B 37 0.36 -8.69 27.94
CA LYS B 37 -1.00 -9.12 27.64
C LYS B 37 -1.82 -9.29 28.93
N TYR B 38 -1.61 -8.37 29.87
CA TYR B 38 -2.38 -8.35 31.12
C TYR B 38 -3.81 -7.92 30.82
N LYS B 39 -4.75 -8.42 31.61
CA LYS B 39 -6.16 -8.19 31.34
C LYS B 39 -6.85 -7.29 32.38
N LYS B 40 -6.13 -6.98 33.46
CA LYS B 40 -6.67 -6.14 34.54
C LYS B 40 -5.65 -5.14 35.08
N LYS B 41 -6.14 -3.99 35.55
CA LYS B 41 -5.32 -2.91 36.09
C LYS B 41 -4.56 -3.33 37.35
N GLU B 42 -5.21 -4.17 38.16
CA GLU B 42 -4.60 -4.71 39.38
C GLU B 42 -3.28 -5.44 39.11
N ASP B 43 -3.15 -6.05 37.93
CA ASP B 43 -1.90 -6.70 37.51
C ASP B 43 -0.73 -5.71 37.54
N VAL B 44 -0.96 -4.52 36.99
CA VAL B 44 0.08 -3.49 36.88
C VAL B 44 0.38 -2.87 38.25
N ILE B 45 -0.68 -2.51 38.98
CA ILE B 45 -0.56 -1.85 40.28
C ILE B 45 0.27 -2.70 41.27
N GLU B 46 -0.02 -4.00 41.30
CA GLU B 46 0.70 -4.96 42.14
C GLU B 46 2.19 -5.04 41.81
N ARG B 47 2.52 -5.08 40.53
CA ARG B 47 3.92 -5.28 40.13
C ARG B 47 4.75 -3.99 40.01
N ILE B 48 4.08 -2.84 39.94
CA ILE B 48 4.80 -1.56 39.83
C ILE B 48 5.30 -1.03 41.19
N LYS B 49 4.71 -1.52 42.27
CA LYS B 49 5.00 -0.98 43.61
C LYS B 49 6.50 -1.04 43.94
N ASP B 50 7.16 -2.06 43.43
CA ASP B 50 8.57 -2.33 43.70
C ASP B 50 9.50 -1.80 42.60
N ALA B 51 8.95 -1.19 41.56
CA ALA B 51 9.72 -0.82 40.37
C ALA B 51 10.52 0.47 40.51
N ASP B 52 11.73 0.47 39.96
CA ASP B 52 12.60 1.65 39.91
C ASP B 52 12.46 2.38 38.57
N GLY B 53 12.07 1.63 37.54
CA GLY B 53 11.86 2.19 36.20
C GLY B 53 10.76 1.45 35.45
N VAL B 54 10.23 2.08 34.40
CA VAL B 54 9.14 1.51 33.62
C VAL B 54 9.42 1.71 32.13
N ILE B 55 9.15 0.67 31.34
CA ILE B 55 9.04 0.81 29.89
C ILE B 55 7.59 0.53 29.53
N VAL B 56 7.00 1.40 28.71
CA VAL B 56 5.59 1.28 28.36
C VAL B 56 5.39 1.53 26.87
N ARG B 57 4.32 0.98 26.31
CA ARG B 57 3.88 1.33 24.96
C ARG B 57 2.70 2.31 25.06
N SER B 58 1.54 1.96 24.50
CA SER B 58 0.37 2.86 24.53
C SER B 58 -0.48 2.67 25.78
N ASP B 59 -0.04 1.78 26.67
CA ASP B 59 -0.76 1.40 27.90
C ASP B 59 -1.10 2.62 28.75
N LYS B 60 -2.32 2.66 29.30
CA LYS B 60 -2.74 3.77 30.14
C LYS B 60 -1.99 3.76 31.45
N ILE B 61 -1.29 4.86 31.73
CA ILE B 61 -0.55 5.00 32.98
C ILE B 61 -1.13 6.22 33.67
N ASP B 62 -2.07 5.99 34.58
CA ASP B 62 -2.81 7.05 35.24
C ASP B 62 -2.30 7.34 36.65
N GLU B 63 -2.92 8.31 37.32
CA GLU B 63 -2.48 8.71 38.66
C GLU B 63 -2.43 7.55 39.65
N GLU B 64 -3.43 6.67 39.61
CA GLU B 64 -3.47 5.51 40.50
C GLU B 64 -2.25 4.61 40.33
N ILE B 65 -1.88 4.33 39.07
CA ILE B 65 -0.72 3.52 38.77
C ILE B 65 0.57 4.22 39.19
N ILE B 66 0.65 5.53 38.91
CA ILE B 66 1.81 6.35 39.22
C ILE B 66 2.03 6.40 40.74
N LYS B 67 0.96 6.67 41.49
CA LYS B 67 1.06 6.71 42.96
C LYS B 67 1.43 5.37 43.57
N ALA B 68 0.97 4.27 42.94
CA ALA B 68 1.35 2.92 43.38
C ALA B 68 2.86 2.66 43.20
N GLY B 69 3.43 3.18 42.13
CA GLY B 69 4.87 3.07 41.89
C GLY B 69 5.65 4.09 42.70
N GLU B 70 5.67 3.89 44.02
CA GLU B 70 6.23 4.87 44.97
C GLU B 70 7.71 5.18 44.78
N LYS B 71 8.46 4.24 44.21
CA LYS B 71 9.89 4.43 43.98
C LYS B 71 10.29 4.47 42.49
N VAL B 72 9.31 4.59 41.60
CA VAL B 72 9.60 4.78 40.17
C VAL B 72 10.32 6.11 39.98
N LYS B 73 11.47 6.08 39.32
CA LYS B 73 12.21 7.31 39.04
C LYS B 73 12.08 7.74 37.59
N ILE B 74 11.76 6.79 36.72
CA ILE B 74 11.71 7.04 35.27
C ILE B 74 10.69 6.16 34.57
N ILE B 75 9.97 6.75 33.62
CA ILE B 75 9.09 6.00 32.71
C ILE B 75 9.57 6.32 31.29
N VAL B 76 9.90 5.29 30.52
CA VAL B 76 10.25 5.49 29.11
C VAL B 76 9.15 4.90 28.24
N ARG B 77 8.53 5.75 27.43
CA ARG B 77 7.61 5.27 26.40
C ARG B 77 8.43 4.84 25.20
N ALA B 78 8.38 3.54 24.90
CA ALA B 78 9.04 3.00 23.72
C ALA B 78 8.17 3.34 22.52
N GLY B 79 8.53 4.43 21.84
CA GLY B 79 7.69 5.00 20.80
C GLY B 79 7.67 6.53 20.88
N ALA B 80 6.63 7.12 20.30
CA ALA B 80 6.56 8.57 20.11
C ALA B 80 5.55 9.28 21.03
N GLY B 81 4.30 8.84 20.98
CA GLY B 81 3.22 9.55 21.67
C GLY B 81 3.19 9.21 23.14
N TYR B 82 2.80 10.17 23.98
CA TYR B 82 2.71 9.94 25.43
C TYR B 82 1.41 10.47 26.04
N ASP B 83 0.39 10.66 25.20
CA ASP B 83 -0.96 11.00 25.64
C ASP B 83 -1.54 9.98 26.63
N ASN B 84 -0.98 8.77 26.64
CA ASN B 84 -1.41 7.69 27.53
C ASN B 84 -0.89 7.83 28.96
N ILE B 85 0.06 8.74 29.17
CA ILE B 85 0.70 8.89 30.48
C ILE B 85 0.24 10.22 31.09
N ASP B 86 -0.26 10.15 32.33
CA ASP B 86 -0.64 11.35 33.07
C ASP B 86 0.62 12.11 33.47
N ILE B 87 0.96 13.10 32.67
CA ILE B 87 2.21 13.84 32.81
C ILE B 87 2.27 14.65 34.11
N GLU B 88 1.16 15.28 34.46
CA GLU B 88 1.09 16.07 35.70
C GLU B 88 1.32 15.22 36.96
N ALA B 89 0.76 14.00 36.97
CA ALA B 89 0.99 13.08 38.09
C ALA B 89 2.44 12.65 38.20
N CYS B 90 3.11 12.51 37.05
CA CYS B 90 4.55 12.21 37.01
C CYS B 90 5.35 13.40 37.52
N ASN B 91 4.94 14.60 37.14
CA ASN B 91 5.54 15.84 37.66
C ASN B 91 5.46 15.91 39.18
N GLN B 92 4.28 15.65 39.73
CA GLN B 92 4.06 15.67 41.18
C GLN B 92 4.83 14.53 41.86
N GLY B 93 4.98 13.41 41.15
CA GLY B 93 5.73 12.26 41.68
C GLY B 93 7.23 12.37 41.46
N LYS B 94 7.65 13.43 40.78
CA LYS B 94 9.06 13.71 40.44
C LYS B 94 9.67 12.60 39.57
N ILE B 95 8.87 12.12 38.63
CA ILE B 95 9.26 11.03 37.74
C ILE B 95 9.62 11.60 36.36
N VAL B 96 10.82 11.28 35.91
CA VAL B 96 11.27 11.63 34.55
C VAL B 96 10.46 10.80 33.55
N VAL B 97 9.83 11.48 32.59
CA VAL B 97 9.13 10.78 31.49
C VAL B 97 9.86 11.09 30.19
N MET B 98 10.23 10.04 29.45
CA MET B 98 10.85 10.22 28.15
C MET B 98 10.22 9.30 27.12
N ASN B 99 10.41 9.64 25.85
CA ASN B 99 10.02 8.77 24.75
C ASN B 99 11.27 8.41 23.95
N THR B 100 11.08 7.75 22.81
CA THR B 100 12.20 7.35 21.96
C THR B 100 11.91 7.87 20.54
N PRO B 101 12.22 9.17 20.30
CA PRO B 101 11.72 9.79 19.06
C PRO B 101 12.23 9.12 17.80
N GLY B 102 11.32 8.95 16.84
CA GLY B 102 11.67 8.45 15.51
C GLY B 102 11.91 6.95 15.36
N GLN B 103 11.93 6.22 16.47
CA GLN B 103 12.28 4.79 16.40
C GLN B 103 11.25 3.96 15.62
N ASN B 104 9.99 4.41 15.69
CA ASN B 104 8.84 3.76 15.05
C ASN B 104 8.55 4.30 13.66
N ARG B 105 9.33 5.30 13.22
CA ARG B 105 8.91 6.16 12.12
C ARG B 105 8.60 5.39 10.84
N ASN B 106 9.42 4.38 10.54
CA ASN B 106 9.26 3.69 9.27
C ASN B 106 8.11 2.73 9.23
N GLY B 107 7.81 2.06 10.35
CA GLY B 107 6.62 1.19 10.38
C GLY B 107 5.36 2.01 10.13
N VAL B 108 5.30 3.17 10.78
CA VAL B 108 4.12 4.03 10.67
C VAL B 108 4.03 4.62 9.26
N ALA B 109 5.14 5.15 8.74
CA ALA B 109 5.16 5.74 7.40
C ALA B 109 4.81 4.74 6.28
N GLU B 110 5.34 3.52 6.35
CA GLU B 110 5.00 2.51 5.35
C GLU B 110 3.51 2.13 5.42
N LEU B 111 2.99 1.98 6.63
CA LEU B 111 1.57 1.72 6.80
C LEU B 111 0.73 2.84 6.21
N CYS B 112 1.13 4.09 6.48
CA CYS B 112 0.40 5.26 6.00
C CYS B 112 0.28 5.24 4.47
N ILE B 113 1.39 4.98 3.79
CA ILE B 113 1.39 4.94 2.32
C ILE B 113 0.54 3.77 1.81
N GLY B 114 0.69 2.62 2.46
CA GLY B 114 -0.10 1.43 2.13
C GLY B 114 -1.60 1.67 2.25
N MET B 115 -2.01 2.33 3.32
CA MET B 115 -3.40 2.69 3.52
C MET B 115 -3.88 3.70 2.49
N MET B 116 -3.03 4.66 2.09
CA MET B 116 -3.45 5.62 1.07
C MET B 116 -3.75 4.91 -0.26
N ILE B 117 -2.90 3.94 -0.61
CA ILE B 117 -3.12 3.17 -1.85
C ILE B 117 -4.38 2.33 -1.72
N PHE B 118 -4.48 1.57 -0.62
CA PHE B 118 -5.65 0.73 -0.31
C PHE B 118 -6.95 1.55 -0.35
N GLY B 119 -6.92 2.72 0.29
CA GLY B 119 -8.06 3.63 0.29
C GLY B 119 -8.47 4.11 -1.09
N PHE B 120 -7.49 4.46 -1.92
CA PHE B 120 -7.74 4.91 -3.29
C PHE B 120 -8.12 3.79 -4.26
N ARG B 121 -7.89 2.54 -3.85
CA ARG B 121 -8.10 1.39 -4.73
C ARG B 121 -9.17 0.46 -4.17
N LYS B 122 -10.20 1.08 -3.60
CA LYS B 122 -11.42 0.39 -3.16
C LYS B 122 -11.15 -0.76 -2.19
N GLY B 123 -10.11 -0.63 -1.37
CA GLY B 123 -9.75 -1.71 -0.44
C GLY B 123 -9.43 -3.01 -1.16
N PHE B 124 -8.88 -2.89 -2.38
CA PHE B 124 -8.50 -4.03 -3.23
C PHE B 124 -9.69 -4.91 -3.62
N LYS B 125 -10.86 -4.29 -3.68
CA LYS B 125 -12.07 -4.91 -4.22
C LYS B 125 -12.29 -4.38 -5.63
N GLU B 126 -13.34 -4.88 -6.27
CA GLU B 126 -13.73 -4.48 -7.62
C GLU B 126 -14.14 -3.01 -7.69
N GLY B 127 -14.01 -2.40 -8.86
CA GLY B 127 -14.46 -1.03 -9.06
C GLY B 127 -13.37 -0.10 -9.55
N LYS B 128 -13.77 1.14 -9.84
CA LYS B 128 -12.84 2.12 -10.40
C LYS B 128 -12.14 2.88 -9.29
N GLY B 129 -10.81 2.76 -9.25
CA GLY B 129 -10.02 3.47 -8.25
C GLY B 129 -9.35 4.72 -8.81
N ARG B 130 -8.42 5.27 -8.03
CA ARG B 130 -7.64 6.42 -8.45
C ARG B 130 -6.18 6.22 -8.08
N GLU B 131 -5.31 7.05 -8.66
CA GLU B 131 -3.88 6.96 -8.45
C GLU B 131 -3.40 8.17 -7.63
N LEU B 132 -2.43 7.93 -6.77
CA LEU B 132 -1.86 8.98 -5.93
C LEU B 132 -0.96 9.90 -6.75
N LYS B 133 -0.32 9.36 -7.78
CA LYS B 133 0.58 10.17 -8.62
C LYS B 133 -0.17 11.39 -9.14
N ASP B 134 0.48 12.55 -9.06
CA ASP B 134 -0.04 13.85 -9.52
C ASP B 134 -1.16 14.46 -8.66
N LYS B 135 -1.51 13.80 -7.55
CA LYS B 135 -2.44 14.38 -6.59
C LYS B 135 -1.66 15.19 -5.55
N THR B 136 -2.35 16.10 -4.88
CA THR B 136 -1.67 16.90 -3.85
C THR B 136 -1.92 16.28 -2.49
N LEU B 137 -0.82 16.04 -1.78
CA LEU B 137 -0.86 15.47 -0.43
C LEU B 137 -0.61 16.56 0.59
N GLY B 138 -1.45 16.60 1.61
CA GLY B 138 -1.23 17.49 2.73
C GLY B 138 -0.78 16.68 3.94
N ILE B 139 0.43 16.95 4.40
CA ILE B 139 1.02 16.30 5.56
C ILE B 139 0.73 17.16 6.78
N CYS B 140 -0.16 16.67 7.63
CA CYS B 140 -0.71 17.43 8.75
C CYS B 140 -0.02 17.02 10.05
N GLY B 141 1.01 17.78 10.41
CA GLY B 141 1.89 17.43 11.53
C GLY B 141 3.19 16.90 10.97
N GLY B 143 6.93 15.71 11.64
CA GLY B 143 8.01 15.14 12.45
C GLY B 143 8.65 14.00 11.71
N TYR B 144 9.15 13.00 12.44
CA TYR B 144 9.86 11.87 11.82
C TYR B 144 8.99 11.05 10.86
N VAL B 145 7.73 10.81 11.22
CA VAL B 145 6.86 10.01 10.37
C VAL B 145 6.53 10.81 9.11
N GLY B 146 6.11 12.06 9.29
CA GLY B 146 5.76 12.92 8.15
C GLY B 146 6.87 13.08 7.13
N LYS B 147 8.12 13.17 7.59
CA LYS B 147 9.26 13.31 6.65
C LYS B 147 9.41 12.05 5.78
N ARG B 148 9.26 10.88 6.41
CA ARG B 148 9.31 9.61 5.67
C ARG B 148 8.13 9.43 4.72
N VAL B 149 6.93 9.79 5.16
CA VAL B 149 5.76 9.80 4.28
C VAL B 149 6.00 10.71 3.07
N LYS B 150 6.56 11.90 3.31
CA LYS B 150 6.92 12.82 2.23
C LYS B 150 7.87 12.19 1.21
N GLU B 151 8.94 11.55 1.70
CA GLU B 151 9.93 10.91 0.83
C GLU B 151 9.28 9.85 -0.07
N ILE B 152 8.43 9.01 0.53
CA ILE B 152 7.76 7.96 -0.23
C ILE B 152 6.76 8.57 -1.23
N ALA B 153 5.96 9.54 -0.76
CA ALA B 153 5.00 10.20 -1.65
C ALA B 153 5.67 10.92 -2.82
N GLU B 154 6.88 11.42 -2.60
CA GLU B 154 7.58 12.14 -3.67
C GLU B 154 8.01 11.18 -4.78
N GLY B 155 8.43 9.98 -4.38
CA GLY B 155 8.74 8.91 -5.32
C GLY B 155 7.51 8.45 -6.09
N ILE B 156 6.35 8.47 -5.41
CA ILE B 156 5.07 8.17 -6.04
C ILE B 156 4.66 9.27 -7.04
N GLY B 157 5.10 10.49 -6.78
CA GLY B 157 4.83 11.61 -7.67
C GLY B 157 3.70 12.52 -7.21
N MET B 158 3.43 12.51 -5.92
CA MET B 158 2.46 13.45 -5.34
C MET B 158 3.10 14.82 -5.16
N LYS B 159 2.27 15.85 -5.22
CA LYS B 159 2.69 17.21 -4.89
C LYS B 159 2.48 17.38 -3.39
N ILE B 160 3.40 18.05 -2.70
CA ILE B 160 3.37 18.03 -1.24
C ILE B 160 3.18 19.42 -0.63
N LYS B 161 2.25 19.52 0.31
CA LYS B 161 2.14 20.68 1.20
C LYS B 161 2.13 20.18 2.64
N VAL B 162 2.59 21.02 3.58
CA VAL B 162 2.81 20.61 4.96
C VAL B 162 2.24 21.62 5.95
N TYR B 163 1.59 21.13 7.00
CA TYR B 163 1.19 21.96 8.13
C TYR B 163 1.82 21.46 9.42
N ASP B 164 2.32 22.36 10.26
CA ASP B 164 2.72 22.01 11.61
C ASP B 164 2.56 23.23 12.54
N PRO B 165 2.08 23.01 13.79
CA PRO B 165 1.83 24.16 14.66
C PRO B 165 3.08 24.80 15.27
N PHE B 166 4.19 24.07 15.29
CA PHE B 166 5.40 24.55 15.99
C PHE B 166 6.69 24.64 15.18
N ILE B 167 6.91 23.70 14.27
CA ILE B 167 8.16 23.70 13.51
C ILE B 167 8.03 24.37 12.15
N THR B 168 9.17 24.74 11.56
CA THR B 168 9.22 25.39 10.27
C THR B 168 9.82 24.44 9.24
N THR B 169 9.21 24.38 8.06
CA THR B 169 9.70 23.49 7.01
C THR B 169 9.38 24.06 5.63
N GLU B 170 9.77 23.33 4.59
CA GLU B 170 9.46 23.67 3.20
C GLU B 170 8.01 23.37 2.87
N ASN B 171 7.50 24.00 1.81
CA ASN B 171 6.16 23.74 1.28
C ASN B 171 5.08 23.85 2.37
N GLN B 172 5.31 24.74 3.32
CA GLN B 172 4.48 24.83 4.51
C GLN B 172 3.37 25.86 4.34
N VAL B 173 2.16 25.50 4.76
CA VAL B 173 1.06 26.46 4.79
C VAL B 173 1.00 27.08 6.18
N LYS B 174 0.53 28.32 6.24
CA LYS B 174 0.43 29.04 7.53
C LYS B 174 -0.70 28.49 8.41
N LYS B 175 -1.82 28.15 7.79
CA LYS B 175 -3.01 27.78 8.53
C LYS B 175 -3.46 26.38 8.10
N ILE B 176 -3.90 25.59 9.07
CA ILE B 176 -4.42 24.24 8.81
C ILE B 176 -5.54 24.23 7.76
N GLU B 177 -6.36 25.28 7.76
CA GLU B 177 -7.45 25.45 6.79
C GLU B 177 -6.93 25.41 5.36
N GLU B 178 -5.77 26.03 5.14
CA GLU B 178 -5.15 26.03 3.82
C GLU B 178 -4.78 24.62 3.37
N LEU B 179 -4.34 23.79 4.30
CA LEU B 179 -3.98 22.41 3.98
C LEU B 179 -5.20 21.66 3.42
N PHE B 180 -6.34 21.83 4.09
CA PHE B 180 -7.58 21.17 3.68
C PHE B 180 -8.21 21.74 2.42
N GLU B 181 -8.01 23.04 2.20
CA GLU B 181 -8.50 23.70 0.98
C GLU B 181 -7.68 23.32 -0.26
N GLU B 182 -6.39 23.04 -0.07
CA GLU B 182 -5.46 22.93 -1.19
C GLU B 182 -5.03 21.50 -1.54
N CYS B 183 -5.31 20.55 -0.66
CA CYS B 183 -4.86 19.17 -0.86
C CYS B 183 -6.00 18.17 -0.99
N GLN B 184 -5.80 17.22 -1.89
CA GLN B 184 -6.78 16.17 -2.19
C GLN B 184 -6.70 15.02 -1.19
N VAL B 185 -5.50 14.74 -0.70
CA VAL B 185 -5.28 13.70 0.31
C VAL B 185 -4.60 14.33 1.53
N ILE B 186 -5.09 13.99 2.71
CA ILE B 186 -4.50 14.46 3.96
C ILE B 186 -4.00 13.27 4.77
N SER B 187 -2.74 13.34 5.19
CA SER B 187 -2.19 12.35 6.09
C SER B 187 -2.00 13.00 7.47
N LEU B 188 -2.63 12.42 8.50
CA LEU B 188 -2.59 13.02 9.86
C LEU B 188 -1.48 12.42 10.73
N HIS B 189 -0.68 13.29 11.34
CA HIS B 189 0.44 12.87 12.19
C HIS B 189 0.54 13.62 13.49
N LEU B 190 -0.44 14.47 13.76
CA LEU B 190 -0.44 15.31 14.95
C LEU B 190 -0.46 14.47 16.22
N PRO B 191 0.35 14.84 17.23
CA PRO B 191 0.20 14.25 18.56
C PRO B 191 -1.16 14.65 19.17
N LEU B 192 -1.60 13.89 20.16
CA LEU B 192 -2.84 14.22 20.86
C LEU B 192 -2.50 15.09 22.05
N THR B 193 -2.94 16.34 22.00
CA THR B 193 -2.74 17.31 23.07
C THR B 193 -4.08 18.00 23.35
N LYS B 194 -4.11 18.87 24.37
CA LYS B 194 -5.28 19.68 24.62
C LYS B 194 -5.71 20.43 23.37
N GLU B 195 -4.71 20.88 22.61
CA GLU B 195 -4.91 21.73 21.45
C GLU B 195 -5.41 20.95 20.23
N THR B 196 -4.97 19.70 20.07
CA THR B 196 -5.35 18.89 18.90
C THR B 196 -6.58 18.00 19.10
N LYS B 197 -6.99 17.79 20.35
CA LYS B 197 -8.16 16.96 20.65
C LYS B 197 -9.42 17.48 19.94
N GLY B 198 -10.01 16.64 19.09
CA GLY B 198 -11.21 17.02 18.33
C GLY B 198 -11.04 18.13 17.31
N LYS B 199 -9.80 18.42 16.94
CA LYS B 199 -9.48 19.51 16.01
C LYS B 199 -9.90 19.23 14.57
N ILE B 200 -9.82 17.98 14.13
CA ILE B 200 -10.16 17.64 12.75
C ILE B 200 -11.67 17.34 12.67
N GLY B 201 -12.45 18.38 12.40
CA GLY B 201 -13.90 18.29 12.46
C GLY B 201 -14.59 18.78 11.20
N TYR B 202 -15.90 19.00 11.29
CA TYR B 202 -16.74 19.33 10.14
C TYR B 202 -16.20 20.49 9.30
N GLU B 203 -15.90 21.62 9.94
CA GLU B 203 -15.56 22.85 9.23
C GLU B 203 -14.24 22.74 8.47
N LEU B 204 -13.33 21.89 8.96
CA LEU B 204 -12.06 21.66 8.29
C LEU B 204 -12.22 20.65 7.15
N ILE B 205 -12.85 19.53 7.44
CA ILE B 205 -13.03 18.45 6.47
C ILE B 205 -13.86 18.87 5.25
N LYS B 206 -14.90 19.68 5.45
CA LYS B 206 -15.78 20.09 4.35
C LYS B 206 -15.05 20.83 3.23
N LYS B 207 -13.86 21.35 3.56
CA LYS B 207 -13.05 22.13 2.62
C LYS B 207 -12.36 21.28 1.55
N LEU B 208 -12.29 19.96 1.75
CA LEU B 208 -11.58 19.08 0.82
C LEU B 208 -12.17 19.09 -0.58
N PRO B 209 -11.31 19.07 -1.61
CA PRO B 209 -11.77 18.91 -2.99
C PRO B 209 -12.49 17.57 -3.19
N TYR B 210 -13.18 17.43 -4.31
CA TYR B 210 -13.87 16.19 -4.67
C TYR B 210 -12.92 14.99 -4.59
N GLY B 211 -13.41 13.90 -4.03
CA GLY B 211 -12.64 12.66 -3.89
C GLY B 211 -11.60 12.73 -2.80
N GLY B 212 -11.74 13.70 -1.89
CA GLY B 212 -10.80 13.88 -0.78
C GLY B 212 -10.69 12.63 0.07
N MET B 213 -9.47 12.35 0.53
CA MET B 213 -9.24 11.20 1.41
C MET B 213 -8.39 11.63 2.58
N ILE B 214 -8.80 11.21 3.78
CA ILE B 214 -8.03 11.41 4.99
C ILE B 214 -7.50 10.06 5.47
N CYS B 215 -6.18 10.02 5.68
CA CYS B 215 -5.53 8.84 6.24
C CYS B 215 -5.02 9.21 7.63
N ASN B 216 -5.49 8.49 8.65
CA ASN B 216 -5.11 8.79 10.03
C ASN B 216 -4.27 7.67 10.64
N THR B 217 -2.96 7.91 10.77
CA THR B 217 -2.09 6.97 11.49
C THR B 217 -1.61 7.58 12.80
N ALA B 218 -2.35 8.58 13.28
CA ALA B 218 -1.94 9.38 14.44
C ALA B 218 -2.65 8.92 15.72
N ARG B 219 -3.75 9.58 16.08
CA ARG B 219 -4.54 9.21 17.27
C ARG B 219 -6.02 9.38 16.96
N LYS B 220 -6.88 8.52 17.52
CA LYS B 220 -8.32 8.62 17.23
C LYS B 220 -8.93 9.92 17.73
N GLU B 221 -8.43 10.42 18.86
CA GLU B 221 -9.05 11.58 19.50
C GLU B 221 -8.76 12.96 18.89
N ILE B 222 -7.88 13.04 17.88
CA ILE B 222 -7.72 14.29 17.13
C ILE B 222 -8.88 14.52 16.14
N ILE B 223 -9.67 13.46 15.90
CA ILE B 223 -10.88 13.56 15.08
C ILE B 223 -12.07 14.02 15.93
N ASP B 224 -12.89 14.94 15.41
CA ASP B 224 -14.21 15.18 15.97
C ASP B 224 -15.12 14.21 15.22
N GLU B 225 -15.41 13.07 15.87
CA GLU B 225 -16.16 11.99 15.22
C GLU B 225 -17.55 12.39 14.74
N GLU B 226 -18.31 13.11 15.57
CA GLU B 226 -19.63 13.64 15.16
C GLU B 226 -19.51 14.50 13.90
N GLY B 227 -18.50 15.36 13.86
CA GLY B 227 -18.25 16.24 12.73
C GLY B 227 -17.84 15.51 11.47
N LEU B 228 -16.99 14.49 11.62
CA LEU B 228 -16.55 13.68 10.48
C LEU B 228 -17.74 12.87 9.95
N ILE B 229 -18.55 12.32 10.85
CA ILE B 229 -19.77 11.61 10.44
C ILE B 229 -20.70 12.53 9.63
N ARG B 230 -20.90 13.75 10.13
CA ARG B 230 -21.80 14.70 9.47
C ARG B 230 -21.35 15.00 8.04
N ILE B 231 -20.07 15.29 7.85
CA ILE B 231 -19.59 15.63 6.52
C ILE B 231 -19.52 14.42 5.59
N MET B 232 -19.23 13.24 6.13
CA MET B 232 -19.19 12.04 5.29
C MET B 232 -20.59 11.65 4.78
N ARG B 233 -21.61 11.91 5.59
CA ARG B 233 -23.00 11.71 5.16
C ARG B 233 -23.37 12.68 4.04
N GLU B 234 -22.91 13.93 4.17
CA GLU B 234 -23.15 14.98 3.16
C GLU B 234 -22.33 14.85 1.87
N ARG B 235 -21.11 14.34 2.00
CA ARG B 235 -20.19 14.20 0.88
C ARG B 235 -19.87 12.72 0.69
N GLU B 236 -20.64 12.03 -0.14
CA GLU B 236 -20.44 10.58 -0.35
C GLU B 236 -19.12 10.24 -1.06
N ASP B 237 -18.41 11.26 -1.52
CA ASP B 237 -17.15 11.08 -2.23
C ASP B 237 -15.95 10.93 -1.29
N LEU B 238 -16.09 11.34 -0.03
CA LEU B 238 -14.95 11.35 0.90
C LEU B 238 -14.64 9.96 1.45
N ILE B 239 -13.33 9.70 1.58
CA ILE B 239 -12.81 8.42 2.08
C ILE B 239 -12.06 8.71 3.39
N TYR B 240 -12.31 7.88 4.40
CA TYR B 240 -11.55 7.93 5.63
C TYR B 240 -10.92 6.56 5.93
N ILE B 241 -9.59 6.53 6.00
CA ILE B 241 -8.86 5.30 6.33
C ILE B 241 -7.98 5.54 7.55
N THR B 242 -8.00 4.62 8.51
CA THR B 242 -7.33 4.91 9.78
C THR B 242 -6.72 3.67 10.43
N ASP B 243 -5.55 3.87 11.04
CA ASP B 243 -4.93 2.85 11.89
C ASP B 243 -5.39 2.96 13.34
N VAL B 244 -6.15 4.02 13.64
CA VAL B 244 -6.65 4.24 14.98
C VAL B 244 -8.19 4.28 14.95
N ALA B 245 -8.78 3.10 15.08
CA ALA B 245 -10.22 2.90 14.90
C ALA B 245 -11.05 3.85 15.74
N PRO B 246 -12.09 4.44 15.15
CA PRO B 246 -12.96 5.37 15.87
C PRO B 246 -13.78 4.67 16.95
N THR B 247 -14.26 5.44 17.90
CA THR B 247 -15.14 4.94 18.97
C THR B 247 -16.50 4.58 18.38
N SER B 248 -17.05 5.46 17.55
CA SER B 248 -18.38 5.26 16.97
C SER B 248 -18.50 4.12 15.97
N LYS B 249 -19.57 3.33 16.11
CA LYS B 249 -19.86 2.23 15.19
C LYS B 249 -20.45 2.71 13.86
N VAL B 250 -20.83 3.99 13.80
CA VAL B 250 -21.46 4.57 12.60
C VAL B 250 -20.60 4.39 11.35
N PHE B 251 -19.28 4.52 11.50
CA PHE B 251 -18.38 4.49 10.36
C PHE B 251 -18.48 3.16 9.59
N ASN B 252 -18.36 2.07 10.32
CA ASN B 252 -18.42 0.73 9.77
C ASN B 252 -19.83 0.40 9.26
N ASN B 253 -20.83 0.94 9.95
CA ASN B 253 -22.23 0.71 9.60
C ASN B 253 -22.71 1.42 8.34
N GLU B 254 -22.31 2.68 8.17
CA GLU B 254 -22.87 3.54 7.12
C GLU B 254 -21.95 3.78 5.93
N PHE B 255 -20.64 3.74 6.15
CA PHE B 255 -19.70 4.18 5.12
C PHE B 255 -18.88 3.06 4.47
N LYS B 256 -19.44 1.86 4.42
CA LYS B 256 -18.79 0.74 3.74
C LYS B 256 -18.41 1.16 2.33
N GLY B 257 -17.20 0.79 1.90
CA GLY B 257 -16.72 1.16 0.58
C GLY B 257 -15.91 2.44 0.54
N ARG B 258 -15.97 3.24 1.61
CA ARG B 258 -15.11 4.44 1.70
C ARG B 258 -14.62 4.70 3.12
N PHE B 259 -14.65 3.66 3.94
CA PHE B 259 -14.09 3.69 5.28
C PHE B 259 -13.37 2.38 5.56
N PHE B 260 -12.21 2.48 6.21
CA PHE B 260 -11.53 1.30 6.75
C PHE B 260 -10.75 1.68 7.98
N ALA B 261 -10.84 0.82 9.01
CA ALA B 261 -10.00 0.92 10.19
C ALA B 261 -9.35 -0.43 10.49
N THR B 262 -8.10 -0.40 10.89
CA THR B 262 -7.43 -1.61 11.41
C THR B 262 -8.10 -2.05 12.72
N PRO B 263 -8.02 -3.36 13.06
CA PRO B 263 -8.62 -3.88 14.31
C PRO B 263 -7.92 -3.37 15.57
N ILE B 264 -6.64 -3.04 15.40
CA ILE B 264 -5.81 -2.51 16.48
C ILE B 264 -4.74 -1.67 15.78
N LYS B 265 -4.14 -0.73 16.52
CA LYS B 265 -3.12 0.15 15.97
C LYS B 265 -1.87 -0.66 15.61
N ILE B 266 -1.66 -0.90 14.33
CA ILE B 266 -0.54 -1.73 13.86
C ILE B 266 0.63 -0.95 13.25
N GLY B 267 0.55 0.39 13.26
CA GLY B 267 1.62 1.21 12.68
C GLY B 267 3.02 0.83 13.13
N ALA B 268 3.17 0.55 14.42
CA ALA B 268 4.46 0.18 15.00
C ALA B 268 4.62 -1.33 15.23
N GLU B 269 3.62 -2.10 14.79
CA GLU B 269 3.65 -3.56 14.96
C GLU B 269 4.45 -4.26 13.86
N THR B 270 5.75 -3.98 13.82
CA THR B 270 6.66 -4.67 12.93
C THR B 270 7.86 -5.14 13.73
N GLU B 271 8.53 -6.17 13.24
CA GLU B 271 9.76 -6.65 13.86
C GLU B 271 10.78 -5.52 14.02
N GLU B 272 10.94 -4.73 12.95
CA GLU B 272 11.97 -3.70 12.88
C GLU B 272 11.71 -2.55 13.83
N SER B 273 10.46 -2.10 13.87
CA SER B 273 10.11 -0.96 14.74
C SER B 273 10.09 -1.35 16.22
N ASN B 274 9.64 -2.57 16.52
CA ASN B 274 9.69 -3.10 17.89
C ASN B 274 11.13 -3.16 18.42
N ILE B 275 12.03 -3.69 17.59
CA ILE B 275 13.46 -3.74 17.92
C ILE B 275 14.01 -2.35 18.18
N ASN B 276 13.75 -1.41 17.26
CA ASN B 276 14.21 -0.03 17.40
C ASN B 276 13.71 0.65 18.68
N ALA B 277 12.39 0.61 18.89
CA ALA B 277 11.77 1.31 20.00
C ALA B 277 12.10 0.64 21.33
N GLY B 278 12.00 -0.68 21.37
CA GLY B 278 12.19 -1.44 22.60
C GLY B 278 13.63 -1.31 23.10
N MET B 279 14.58 -1.43 22.18
CA MET B 279 15.99 -1.37 22.55
C MET B 279 16.45 0.05 22.89
N ALA B 280 15.90 1.05 22.20
CA ALA B 280 16.15 2.45 22.55
C ALA B 280 15.63 2.72 23.97
N ALA B 281 14.44 2.20 24.30
CA ALA B 281 13.88 2.40 25.63
C ALA B 281 14.78 1.81 26.71
N ALA B 282 15.22 0.57 26.49
CA ALA B 282 16.15 -0.11 27.41
C ALA B 282 17.48 0.62 27.54
N SER B 283 18.02 1.10 26.42
CA SER B 283 19.28 1.86 26.42
C SER B 283 19.16 3.16 27.18
N GLN B 284 18.03 3.84 27.00
CA GLN B 284 17.79 5.12 27.67
C GLN B 284 17.58 4.95 29.16
N ILE B 285 16.80 3.93 29.57
CA ILE B 285 16.88 3.44 30.94
C ILE B 285 18.29 2.85 31.00
N CYS B 286 18.96 2.92 32.13
CA CYS B 286 20.33 2.39 32.17
C CYS B 286 21.29 3.53 31.95
N ASP B 287 21.15 4.23 30.82
CA ASP B 287 21.90 5.48 30.63
C ASP B 287 21.42 6.47 31.69
N PHE B 288 20.12 6.47 31.97
CA PHE B 288 19.58 7.30 33.05
C PHE B 288 20.17 6.86 34.39
N PHE B 289 20.11 5.56 34.67
CA PHE B 289 20.61 5.03 35.95
C PHE B 289 22.12 5.08 36.10
N THR B 290 22.85 5.03 34.98
CA THR B 290 24.31 5.08 34.99
C THR B 290 24.86 6.50 35.06
N ASN B 291 24.33 7.39 34.22
CA ASN B 291 24.91 8.72 34.03
C ASN B 291 23.96 9.87 34.34
N GLY B 292 22.72 9.57 34.72
CA GLY B 292 21.70 10.59 34.97
C GLY B 292 21.22 11.26 33.70
N THR B 293 21.50 10.63 32.55
CA THR B 293 21.13 11.17 31.24
C THR B 293 19.62 11.31 31.10
N VAL B 294 19.18 12.51 30.73
CA VAL B 294 17.76 12.79 30.59
C VAL B 294 17.36 13.29 29.19
N LYS B 295 18.21 13.01 28.21
CA LYS B 295 17.86 13.34 26.82
C LYS B 295 16.52 12.70 26.46
N PHE B 296 15.71 13.44 25.70
CA PHE B 296 14.35 13.04 25.32
C PHE B 296 13.31 13.13 26.44
N GLN B 297 13.68 13.70 27.60
CA GLN B 297 12.68 13.92 28.67
C GLN B 297 11.60 14.85 28.15
N VAL B 298 10.34 14.47 28.32
CA VAL B 298 9.23 15.25 27.77
C VAL B 298 8.51 16.11 28.80
N ASN B 299 8.68 15.79 30.07
CA ASN B 299 8.11 16.59 31.15
C ASN B 299 9.18 17.47 31.81
N LYS B 300 8.75 18.29 32.76
CA LYS B 300 9.68 19.11 33.53
C LYS B 300 9.06 19.40 34.89
N PHE B 301 9.86 19.18 35.92
CA PHE B 301 9.43 19.41 37.30
C PHE B 301 10.60 19.97 38.11
N LEU B 302 10.27 20.53 39.27
CA LEU B 302 11.30 21.06 40.16
C LEU B 302 11.66 20.05 41.25
N GLU B 303 12.97 19.91 41.49
CA GLU B 303 13.53 19.04 42.52
C GLU B 303 13.00 17.61 42.45
#